data_1G6P
#
_entry.id   1G6P
#
_cell.length_a   1
_cell.length_b   1
_cell.length_c   1
_cell.angle_alpha   90
_cell.angle_beta   90
_cell.angle_gamma   90
#
_symmetry.space_group_name_H-M   'P 1'
#
_entity_poly.entity_id   1
_entity_poly.type   'polypeptide(L)'
_entity_poly.pdbx_seq_one_letter_code
;MRGKVKWFDSKKGYGFITKDEGGDVFVHWSAIEMEGFKTLKEGQVVEFEIQEGKKGPQAAHVKVVE
;
_entity_poly.pdbx_strand_id   A
#
# COMPACT_ATOMS: atom_id res chain seq x y z
N MET A 1 -6.26 -8.08 -1.01
CA MET A 1 -5.68 -8.15 -2.38
C MET A 1 -5.71 -6.80 -3.09
N ARG A 2 -6.52 -5.86 -2.58
CA ARG A 2 -6.67 -4.51 -3.15
C ARG A 2 -7.34 -3.55 -2.17
N GLY A 3 -6.91 -2.30 -2.25
CA GLY A 3 -7.46 -1.27 -1.38
C GLY A 3 -7.63 0.06 -2.06
N LYS A 4 -7.24 1.09 -1.33
CA LYS A 4 -7.28 2.45 -1.76
C LYS A 4 -5.96 3.08 -1.35
N VAL A 5 -5.57 4.21 -1.93
CA VAL A 5 -4.32 4.83 -1.55
C VAL A 5 -4.59 6.19 -1.07
N LYS A 6 -3.93 6.52 0.04
CA LYS A 6 -4.10 7.80 0.70
C LYS A 6 -2.80 8.58 0.83
N TRP A 7 -1.65 7.89 0.90
CA TRP A 7 -0.35 8.59 1.01
C TRP A 7 0.84 7.75 0.52
N PHE A 8 1.71 8.39 -0.27
CA PHE A 8 2.93 7.75 -0.79
C PHE A 8 4.17 8.53 -0.33
N ASP A 9 5.11 7.85 0.29
CA ASP A 9 6.34 8.48 0.72
C ASP A 9 7.53 7.63 0.29
N SER A 10 8.75 8.12 0.50
CA SER A 10 9.94 7.39 0.15
C SER A 10 9.99 7.13 -1.34
N LYS A 11 11.21 7.10 -1.82
CA LYS A 11 11.46 6.88 -3.24
C LYS A 11 11.05 5.45 -3.63
N LYS A 12 10.86 4.58 -2.65
CA LYS A 12 10.44 3.22 -2.90
C LYS A 12 8.96 3.11 -2.49
N GLY A 13 8.55 2.03 -1.81
CA GLY A 13 7.15 1.90 -1.45
C GLY A 13 6.82 2.26 0.00
N TYR A 14 6.84 3.53 0.34
CA TYR A 14 6.49 3.96 1.70
C TYR A 14 5.20 4.75 1.65
N GLY A 15 4.47 4.74 2.75
CA GLY A 15 3.21 5.49 2.78
C GLY A 15 2.11 4.87 3.59
N PHE A 16 0.88 5.26 3.26
CA PHE A 16 -0.31 4.80 3.92
C PHE A 16 -1.36 4.38 2.89
N ILE A 17 -1.99 3.27 3.14
CA ILE A 17 -2.99 2.77 2.22
C ILE A 17 -4.33 2.55 2.93
N THR A 18 -5.40 2.31 2.17
CA THR A 18 -6.71 2.02 2.77
C THR A 18 -7.23 0.70 2.21
N LYS A 19 -7.53 -0.27 3.06
CA LYS A 19 -8.05 -1.55 2.56
C LYS A 19 -9.43 -1.36 2.00
N ASP A 20 -9.73 -2.07 0.88
CA ASP A 20 -11.02 -2.01 0.16
C ASP A 20 -12.07 -1.09 0.83
N GLU A 21 -12.90 -1.64 1.71
CA GLU A 21 -13.92 -0.85 2.41
C GLU A 21 -13.65 -0.82 3.91
N GLY A 22 -12.38 -0.92 4.28
CA GLY A 22 -12.03 -0.95 5.70
C GLY A 22 -11.52 0.37 6.26
N GLY A 23 -10.23 0.40 6.60
CA GLY A 23 -9.62 1.57 7.16
C GLY A 23 -8.31 1.90 6.48
N ASP A 24 -7.31 2.33 7.24
CA ASP A 24 -6.03 2.69 6.66
C ASP A 24 -4.87 1.85 7.20
N VAL A 25 -3.94 1.58 6.31
CA VAL A 25 -2.75 0.82 6.58
C VAL A 25 -1.53 1.70 6.46
N PHE A 26 -0.41 1.05 6.56
CA PHE A 26 0.86 1.66 6.45
C PHE A 26 1.68 0.86 5.47
N VAL A 27 2.77 1.41 5.00
CA VAL A 27 3.61 0.70 4.06
C VAL A 27 5.05 1.14 4.27
N HIS A 28 5.99 0.22 4.09
CA HIS A 28 7.40 0.49 4.38
C HIS A 28 8.29 0.88 3.21
N TRP A 29 8.20 0.13 2.10
CA TRP A 29 9.02 0.32 0.89
C TRP A 29 9.32 -1.00 0.26
N SER A 30 9.02 -2.10 0.98
CA SER A 30 9.21 -3.41 0.45
C SER A 30 7.87 -4.09 0.25
N ALA A 31 6.85 -3.23 0.07
CA ALA A 31 5.50 -3.66 -0.23
C ALA A 31 5.12 -3.02 -1.57
N ILE A 32 5.69 -1.83 -1.85
CA ILE A 32 5.50 -1.14 -3.11
C ILE A 32 6.83 -1.09 -3.84
N GLU A 33 7.28 -2.27 -4.11
CA GLU A 33 8.53 -2.53 -4.81
C GLU A 33 8.29 -3.40 -6.04
N MET A 34 7.92 -2.77 -7.16
CA MET A 34 7.65 -3.51 -8.40
C MET A 34 8.52 -2.98 -9.54
N GLU A 35 8.43 -3.63 -10.69
CA GLU A 35 9.23 -3.24 -11.85
C GLU A 35 8.35 -2.93 -13.06
N GLY A 36 7.07 -2.64 -12.81
CA GLY A 36 6.16 -2.30 -13.89
C GLY A 36 5.65 -0.88 -13.76
N PHE A 37 4.96 -0.62 -12.66
CA PHE A 37 4.43 0.69 -12.37
C PHE A 37 4.02 0.78 -10.90
N LYS A 38 4.94 1.29 -10.08
CA LYS A 38 4.71 1.43 -8.66
C LYS A 38 4.98 2.87 -8.26
N THR A 39 4.05 3.46 -7.54
CA THR A 39 4.21 4.83 -7.10
C THR A 39 3.16 5.32 -6.16
N LEU A 40 1.97 4.84 -6.30
CA LEU A 40 0.86 5.26 -5.49
C LEU A 40 0.62 6.74 -5.65
N LYS A 41 -0.49 7.03 -6.23
CA LYS A 41 -0.90 8.41 -6.45
C LYS A 41 -1.52 8.99 -5.18
N GLU A 42 -1.67 8.15 -4.16
CA GLU A 42 -2.23 8.56 -2.85
C GLU A 42 -3.75 8.73 -2.87
N GLY A 43 -4.37 8.51 -4.01
CA GLY A 43 -5.83 8.65 -4.11
C GLY A 43 -6.46 7.64 -5.05
N GLN A 44 -6.03 6.40 -4.98
CA GLN A 44 -6.53 5.37 -5.92
C GLN A 44 -6.78 4.07 -5.22
N VAL A 45 -6.87 3.01 -5.99
CA VAL A 45 -7.11 1.70 -5.46
C VAL A 45 -5.94 0.84 -5.84
N VAL A 46 -5.42 0.12 -4.89
CA VAL A 46 -4.25 -0.68 -5.11
C VAL A 46 -4.62 -2.13 -4.98
N GLU A 47 -3.70 -2.99 -5.31
CA GLU A 47 -3.89 -4.42 -5.20
C GLU A 47 -2.89 -4.91 -4.16
N PHE A 48 -3.32 -5.06 -2.90
CA PHE A 48 -2.38 -5.41 -1.85
C PHE A 48 -2.85 -6.41 -0.81
N GLU A 49 -1.93 -6.72 0.09
CA GLU A 49 -2.19 -7.64 1.19
C GLU A 49 -1.66 -6.99 2.45
N ILE A 50 -2.17 -7.40 3.59
CA ILE A 50 -1.74 -6.81 4.85
C ILE A 50 -1.55 -7.86 5.93
N GLN A 51 -0.53 -7.64 6.75
CA GLN A 51 -0.20 -8.54 7.85
C GLN A 51 0.00 -7.76 9.14
N GLU A 52 -0.61 -8.24 10.22
CA GLU A 52 -0.49 -7.59 11.52
C GLU A 52 0.18 -8.51 12.53
N GLY A 53 1.19 -7.98 13.22
CA GLY A 53 1.90 -8.78 14.21
C GLY A 53 2.03 -8.07 15.54
N LYS A 54 3.26 -7.93 16.01
CA LYS A 54 3.52 -7.27 17.28
C LYS A 54 3.25 -5.77 17.17
N LYS A 55 3.33 -5.23 15.96
CA LYS A 55 3.08 -3.81 15.73
C LYS A 55 1.72 -3.61 15.05
N GLY A 56 1.66 -2.88 13.92
CA GLY A 56 0.40 -2.66 13.25
C GLY A 56 0.36 -3.32 11.86
N PRO A 57 -0.83 -3.42 11.25
CA PRO A 57 -0.98 -4.03 9.92
C PRO A 57 -0.39 -3.16 8.82
N GLN A 58 0.49 -3.74 8.00
CA GLN A 58 1.11 -3.01 6.92
C GLN A 58 1.00 -3.78 5.61
N ALA A 59 1.03 -3.05 4.53
CA ALA A 59 0.98 -3.62 3.22
C ALA A 59 2.29 -4.35 2.98
N ALA A 60 2.17 -5.55 2.44
CA ALA A 60 3.34 -6.38 2.15
C ALA A 60 3.52 -6.57 0.66
N HIS A 61 2.42 -6.55 -0.05
CA HIS A 61 2.38 -6.69 -1.48
C HIS A 61 1.55 -5.55 -2.00
N VAL A 62 2.16 -4.70 -2.81
CA VAL A 62 1.47 -3.51 -3.28
C VAL A 62 1.60 -3.29 -4.77
N LYS A 63 0.46 -3.37 -5.45
CA LYS A 63 0.38 -3.13 -6.88
C LYS A 63 -0.56 -1.95 -7.10
N VAL A 64 -0.88 -1.60 -8.33
CA VAL A 64 -1.76 -0.44 -8.56
C VAL A 64 -3.02 -0.80 -9.33
N VAL A 65 -4.11 -0.10 -8.99
CA VAL A 65 -5.38 -0.29 -9.64
C VAL A 65 -6.19 1.01 -9.57
N GLU A 66 -7.34 1.02 -10.21
CA GLU A 66 -8.20 2.20 -10.23
C GLU A 66 -9.67 1.80 -10.11
N MET A 1 -6.42 -7.94 -0.86
CA MET A 1 -5.79 -8.04 -2.20
C MET A 1 -5.85 -6.71 -2.97
N ARG A 2 -6.67 -5.78 -2.50
CA ARG A 2 -6.84 -4.48 -3.13
C ARG A 2 -7.48 -3.48 -2.16
N GLY A 3 -6.96 -2.28 -2.22
CA GLY A 3 -7.46 -1.21 -1.38
C GLY A 3 -7.55 0.11 -2.07
N LYS A 4 -6.82 1.08 -1.51
CA LYS A 4 -6.77 2.42 -2.02
C LYS A 4 -5.51 3.07 -1.51
N VAL A 5 -5.16 4.21 -2.08
CA VAL A 5 -3.96 4.88 -1.64
C VAL A 5 -4.33 6.22 -1.16
N LYS A 6 -3.71 6.57 -0.05
CA LYS A 6 -3.96 7.83 0.62
C LYS A 6 -2.68 8.66 0.80
N TRP A 7 -1.54 8.00 0.99
CA TRP A 7 -0.27 8.72 1.16
C TRP A 7 0.93 7.90 0.69
N PHE A 8 1.89 8.58 0.01
CA PHE A 8 3.11 7.93 -0.48
C PHE A 8 4.36 8.63 0.07
N ASP A 9 5.26 7.87 0.68
CA ASP A 9 6.51 8.40 1.21
C ASP A 9 7.68 7.49 0.81
N SER A 10 8.91 7.96 0.99
CA SER A 10 10.08 7.19 0.68
C SER A 10 10.20 6.94 -0.81
N LYS A 11 11.42 6.73 -1.22
CA LYS A 11 11.77 6.49 -2.61
C LYS A 11 11.17 5.17 -3.11
N LYS A 12 10.97 4.19 -2.21
CA LYS A 12 10.38 2.93 -2.59
C LYS A 12 8.87 3.00 -2.35
N GLY A 13 8.27 2.07 -1.57
CA GLY A 13 6.83 2.14 -1.35
C GLY A 13 6.40 2.42 0.08
N TYR A 14 6.50 3.65 0.54
CA TYR A 14 6.12 3.96 1.92
C TYR A 14 4.85 4.78 1.92
N GLY A 15 4.13 4.75 3.03
CA GLY A 15 2.91 5.53 3.10
C GLY A 15 1.78 4.90 3.87
N PHE A 16 0.57 5.23 3.41
CA PHE A 16 -0.64 4.72 4.01
C PHE A 16 -1.57 4.25 2.90
N ILE A 17 -2.28 3.17 3.18
CA ILE A 17 -3.18 2.60 2.21
C ILE A 17 -4.55 2.36 2.83
N THR A 18 -5.60 2.31 2.03
CA THR A 18 -6.94 2.03 2.57
C THR A 18 -7.53 0.79 1.93
N LYS A 19 -7.76 -0.24 2.72
CA LYS A 19 -8.34 -1.47 2.19
C LYS A 19 -9.76 -1.21 1.71
N ASP A 20 -10.14 -1.92 0.63
CA ASP A 20 -11.47 -1.81 -0.03
C ASP A 20 -12.48 -0.91 0.72
N GLU A 21 -13.29 -1.51 1.59
CA GLU A 21 -14.27 -0.75 2.36
C GLU A 21 -13.94 -0.82 3.85
N GLY A 22 -12.66 -0.93 4.16
CA GLY A 22 -12.24 -1.04 5.56
C GLY A 22 -11.72 0.24 6.17
N GLY A 23 -10.41 0.27 6.41
CA GLY A 23 -9.77 1.42 7.01
C GLY A 23 -8.49 1.80 6.30
N ASP A 24 -7.50 2.28 7.04
CA ASP A 24 -6.24 2.68 6.44
C ASP A 24 -5.09 1.82 6.98
N VAL A 25 -3.99 1.85 6.24
CA VAL A 25 -2.81 1.09 6.57
C VAL A 25 -1.58 1.98 6.63
N PHE A 26 -0.51 1.31 6.96
CA PHE A 26 0.79 1.88 7.05
C PHE A 26 1.71 0.98 6.27
N VAL A 27 2.47 1.54 5.35
CA VAL A 27 3.33 0.74 4.49
C VAL A 27 4.81 1.16 4.66
N HIS A 28 5.70 0.17 4.60
CA HIS A 28 7.13 0.39 4.87
C HIS A 28 8.04 0.71 3.66
N TRP A 29 7.64 0.37 2.44
CA TRP A 29 8.46 0.57 1.22
C TRP A 29 9.07 -0.72 0.75
N SER A 30 8.61 -1.81 1.37
CA SER A 30 8.98 -3.13 0.99
C SER A 30 7.71 -3.90 0.61
N ALA A 31 6.64 -3.13 0.35
CA ALA A 31 5.36 -3.65 -0.06
C ALA A 31 4.96 -3.01 -1.40
N ILE A 32 5.42 -1.77 -1.63
CA ILE A 32 5.17 -1.08 -2.90
C ILE A 32 6.50 -0.88 -3.60
N GLU A 33 7.11 -2.00 -3.82
CA GLU A 33 8.40 -2.07 -4.46
C GLU A 33 8.32 -3.01 -5.68
N MET A 34 7.96 -2.46 -6.84
CA MET A 34 7.87 -3.27 -8.05
C MET A 34 8.81 -2.74 -9.13
N GLU A 35 9.02 -3.52 -10.19
CA GLU A 35 9.94 -3.13 -11.26
C GLU A 35 9.24 -3.08 -12.63
N GLY A 36 7.91 -2.99 -12.62
CA GLY A 36 7.16 -2.89 -13.85
C GLY A 36 6.45 -1.56 -13.91
N PHE A 37 5.58 -1.36 -12.94
CA PHE A 37 4.84 -0.11 -12.80
C PHE A 37 4.22 -0.04 -11.42
N LYS A 38 5.04 0.35 -10.44
CA LYS A 38 4.58 0.48 -9.07
C LYS A 38 4.67 1.93 -8.67
N THR A 39 3.53 2.45 -8.24
CA THR A 39 3.45 3.81 -7.80
C THR A 39 2.21 4.04 -7.01
N LEU A 40 2.26 5.15 -6.32
CA LEU A 40 1.24 5.53 -5.42
C LEU A 40 0.83 6.95 -5.63
N LYS A 41 -0.31 7.06 -6.20
CA LYS A 41 -0.90 8.36 -6.47
C LYS A 41 -1.54 8.91 -5.21
N GLU A 42 -1.64 8.06 -4.17
CA GLU A 42 -2.22 8.43 -2.89
C GLU A 42 -3.72 8.71 -2.99
N GLY A 43 -4.32 8.48 -4.15
CA GLY A 43 -5.74 8.68 -4.33
C GLY A 43 -6.37 7.67 -5.25
N GLN A 44 -6.03 6.41 -5.07
CA GLN A 44 -6.53 5.38 -5.99
C GLN A 44 -6.89 4.11 -5.26
N VAL A 45 -7.02 3.04 -6.02
CA VAL A 45 -7.34 1.75 -5.51
C VAL A 45 -6.16 0.88 -5.86
N VAL A 46 -5.69 0.13 -4.90
CA VAL A 46 -4.51 -0.66 -5.09
C VAL A 46 -4.87 -2.13 -5.02
N GLU A 47 -3.88 -2.96 -5.26
CA GLU A 47 -4.04 -4.39 -5.19
C GLU A 47 -3.05 -4.86 -4.12
N PHE A 48 -3.49 -4.96 -2.86
CA PHE A 48 -2.58 -5.30 -1.79
C PHE A 48 -3.09 -6.27 -0.74
N GLU A 49 -2.13 -6.75 0.06
CA GLU A 49 -2.42 -7.63 1.17
C GLU A 49 -1.91 -6.94 2.42
N ILE A 50 -2.55 -7.18 3.56
CA ILE A 50 -2.13 -6.52 4.79
C ILE A 50 -2.24 -7.43 6.00
N GLN A 51 -1.13 -7.57 6.72
CA GLN A 51 -1.08 -8.41 7.91
C GLN A 51 -0.46 -7.65 9.07
N GLU A 52 -0.60 -8.20 10.27
CA GLU A 52 -0.05 -7.58 11.47
C GLU A 52 1.08 -8.42 12.05
N GLY A 53 2.22 -7.79 12.31
CA GLY A 53 3.36 -8.50 12.87
C GLY A 53 3.86 -7.88 14.15
N LYS A 54 5.17 -7.70 14.22
CA LYS A 54 5.81 -7.10 15.39
C LYS A 54 5.26 -5.69 15.64
N LYS A 55 4.82 -5.04 14.57
CA LYS A 55 4.28 -3.69 14.65
C LYS A 55 2.75 -3.73 14.42
N GLY A 56 2.23 -2.95 13.46
CA GLY A 56 0.80 -2.95 13.20
C GLY A 56 0.47 -3.52 11.82
N PRO A 57 -0.78 -3.35 11.33
CA PRO A 57 -1.18 -3.86 10.03
C PRO A 57 -0.56 -3.05 8.88
N GLN A 58 0.32 -3.69 8.12
CA GLN A 58 0.97 -3.05 7.00
C GLN A 58 0.84 -3.87 5.74
N ALA A 59 0.87 -3.16 4.63
CA ALA A 59 0.81 -3.74 3.32
C ALA A 59 2.10 -4.51 3.06
N ALA A 60 1.95 -5.68 2.49
CA ALA A 60 3.10 -6.53 2.19
C ALA A 60 3.31 -6.67 0.68
N HIS A 61 2.20 -6.60 -0.04
CA HIS A 61 2.18 -6.71 -1.47
C HIS A 61 1.39 -5.54 -1.98
N VAL A 62 2.02 -4.65 -2.73
CA VAL A 62 1.35 -3.45 -3.17
C VAL A 62 1.52 -3.15 -4.65
N LYS A 63 0.40 -3.11 -5.35
CA LYS A 63 0.36 -2.79 -6.77
C LYS A 63 -0.66 -1.67 -6.95
N VAL A 64 -0.91 -1.22 -8.18
CA VAL A 64 -1.86 -0.11 -8.38
C VAL A 64 -3.05 -0.50 -9.25
N VAL A 65 -4.22 0.02 -8.89
CA VAL A 65 -5.44 -0.19 -9.62
C VAL A 65 -6.27 1.09 -9.59
N GLU A 66 -7.40 1.06 -10.27
CA GLU A 66 -8.28 2.23 -10.33
C GLU A 66 -9.74 1.81 -10.18
N MET A 1 -6.14 -8.19 -0.83
CA MET A 1 -5.66 -8.14 -2.24
C MET A 1 -5.92 -6.78 -2.90
N ARG A 2 -6.60 -5.87 -2.19
CA ARG A 2 -6.92 -4.55 -2.74
C ARG A 2 -7.21 -3.52 -1.67
N GLY A 3 -6.74 -2.32 -1.92
CA GLY A 3 -6.96 -1.22 -1.01
C GLY A 3 -7.29 0.08 -1.68
N LYS A 4 -6.80 1.12 -1.03
CA LYS A 4 -6.97 2.48 -1.46
C LYS A 4 -5.69 3.20 -1.10
N VAL A 5 -5.38 4.32 -1.72
CA VAL A 5 -4.15 5.00 -1.37
C VAL A 5 -4.46 6.34 -0.85
N LYS A 6 -3.81 6.63 0.27
CA LYS A 6 -4.02 7.88 0.97
C LYS A 6 -2.72 8.66 1.14
N TRP A 7 -1.58 7.97 1.15
CA TRP A 7 -0.28 8.65 1.29
C TRP A 7 0.89 7.82 0.74
N PHE A 8 1.78 8.50 0.01
CA PHE A 8 2.99 7.89 -0.56
C PHE A 8 4.23 8.60 -0.03
N ASP A 9 5.13 7.88 0.62
CA ASP A 9 6.36 8.46 1.14
C ASP A 9 7.55 7.62 0.72
N SER A 10 8.76 8.11 0.97
CA SER A 10 9.95 7.39 0.61
C SER A 10 10.06 7.28 -0.89
N LYS A 11 11.28 7.30 -1.37
CA LYS A 11 11.54 7.22 -2.80
C LYS A 11 11.09 5.86 -3.35
N LYS A 12 10.87 4.88 -2.47
CA LYS A 12 10.41 3.57 -2.89
C LYS A 12 8.92 3.43 -2.52
N GLY A 13 8.50 2.38 -1.79
CA GLY A 13 7.08 2.25 -1.46
C GLY A 13 6.69 2.45 0.01
N TYR A 14 6.69 3.67 0.49
CA TYR A 14 6.30 3.93 1.87
C TYR A 14 5.01 4.73 1.84
N GLY A 15 4.27 4.73 2.93
CA GLY A 15 3.03 5.49 2.98
C GLY A 15 1.92 4.85 3.75
N PHE A 16 0.70 5.20 3.35
CA PHE A 16 -0.49 4.69 3.98
C PHE A 16 -1.47 4.24 2.92
N ILE A 17 -2.18 3.18 3.23
CA ILE A 17 -3.14 2.62 2.30
C ILE A 17 -4.47 2.35 3.00
N THR A 18 -5.57 2.27 2.26
CA THR A 18 -6.87 1.97 2.89
C THR A 18 -7.47 0.72 2.29
N LYS A 19 -7.69 -0.31 3.11
CA LYS A 19 -8.26 -1.55 2.60
C LYS A 19 -9.68 -1.30 2.12
N ASP A 20 -10.06 -1.98 1.02
CA ASP A 20 -11.39 -1.86 0.37
C ASP A 20 -12.39 -0.97 1.15
N GLU A 21 -13.19 -1.56 2.02
CA GLU A 21 -14.15 -0.80 2.82
C GLU A 21 -13.80 -0.90 4.29
N GLY A 22 -12.52 -1.01 4.59
CA GLY A 22 -12.08 -1.16 5.97
C GLY A 22 -11.51 0.10 6.61
N GLY A 23 -10.19 0.09 6.78
CA GLY A 23 -9.51 1.21 7.41
C GLY A 23 -8.26 1.63 6.66
N ASP A 24 -7.22 2.00 7.39
CA ASP A 24 -5.97 2.42 6.76
C ASP A 24 -4.81 1.52 7.16
N VAL A 25 -3.76 1.60 6.37
CA VAL A 25 -2.56 0.82 6.56
C VAL A 25 -1.34 1.71 6.53
N PHE A 26 -0.23 1.03 6.64
CA PHE A 26 1.05 1.63 6.59
C PHE A 26 1.85 0.83 5.58
N VAL A 27 2.86 1.43 5.01
CA VAL A 27 3.65 0.73 4.01
C VAL A 27 5.09 1.25 4.09
N HIS A 28 6.03 0.31 3.97
CA HIS A 28 7.46 0.63 4.18
C HIS A 28 8.26 1.01 2.95
N TRP A 29 8.14 0.23 1.87
CA TRP A 29 8.88 0.44 0.62
C TRP A 29 9.28 -0.85 0.00
N SER A 30 8.95 -1.98 0.66
CA SER A 30 9.24 -3.26 0.12
C SER A 30 7.94 -3.99 -0.19
N ALA A 31 6.87 -3.19 -0.34
CA ALA A 31 5.57 -3.69 -0.70
C ALA A 31 5.13 -2.99 -2.00
N ILE A 32 5.69 -1.79 -2.27
CA ILE A 32 5.42 -1.04 -3.49
C ILE A 32 6.69 -0.94 -4.33
N GLU A 33 7.46 -1.98 -4.25
CA GLU A 33 8.73 -2.05 -4.94
C GLU A 33 8.80 -3.21 -5.92
N MET A 34 8.45 -2.94 -7.17
CA MET A 34 8.52 -3.97 -8.21
C MET A 34 9.44 -3.53 -9.34
N GLU A 35 9.44 -4.27 -10.45
CA GLU A 35 10.32 -3.94 -11.57
C GLU A 35 9.50 -3.67 -12.83
N GLY A 36 8.29 -3.20 -12.62
CA GLY A 36 7.42 -2.86 -13.75
C GLY A 36 7.11 -1.38 -13.76
N PHE A 37 5.94 -1.03 -13.27
CA PHE A 37 5.55 0.38 -13.18
C PHE A 37 4.35 0.55 -12.27
N LYS A 38 4.63 0.52 -10.97
CA LYS A 38 3.60 0.71 -9.97
C LYS A 38 4.02 1.92 -9.15
N THR A 39 3.04 2.54 -8.57
CA THR A 39 3.22 3.73 -7.79
C THR A 39 1.97 4.08 -7.07
N LEU A 40 2.11 5.02 -6.16
CA LEU A 40 1.02 5.46 -5.37
C LEU A 40 0.79 6.93 -5.57
N LYS A 41 -0.33 7.23 -6.14
CA LYS A 41 -0.71 8.62 -6.36
C LYS A 41 -1.27 9.23 -5.07
N GLU A 42 -1.41 8.39 -4.03
CA GLU A 42 -1.93 8.82 -2.72
C GLU A 42 -3.46 8.88 -2.69
N GLY A 43 -4.09 8.70 -3.84
CA GLY A 43 -5.54 8.72 -3.93
C GLY A 43 -6.08 7.72 -4.93
N GLN A 44 -6.12 6.46 -4.60
CA GLN A 44 -6.58 5.45 -5.53
C GLN A 44 -6.88 4.15 -4.84
N VAL A 45 -6.95 3.09 -5.62
CA VAL A 45 -7.22 1.77 -5.13
C VAL A 45 -6.10 0.89 -5.60
N VAL A 46 -5.56 0.11 -4.70
CA VAL A 46 -4.41 -0.70 -5.02
C VAL A 46 -4.78 -2.17 -4.92
N GLU A 47 -3.84 -3.01 -5.26
CA GLU A 47 -4.00 -4.45 -5.17
C GLU A 47 -2.98 -4.91 -4.17
N PHE A 48 -3.40 -5.10 -2.90
CA PHE A 48 -2.42 -5.41 -1.88
C PHE A 48 -2.76 -6.46 -0.83
N GLU A 49 -1.72 -6.78 -0.06
CA GLU A 49 -1.77 -7.70 1.04
C GLU A 49 -1.60 -6.91 2.31
N ILE A 50 -2.15 -7.36 3.41
CA ILE A 50 -2.03 -6.63 4.66
C ILE A 50 -1.98 -7.55 5.86
N GLN A 51 -0.82 -7.58 6.51
CA GLN A 51 -0.62 -8.42 7.68
C GLN A 51 -0.03 -7.63 8.84
N GLU A 52 -0.58 -7.85 10.04
CA GLU A 52 -0.12 -7.15 11.23
C GLU A 52 0.62 -8.10 12.16
N GLY A 53 1.53 -7.55 12.96
CA GLY A 53 2.29 -8.34 13.90
C GLY A 53 2.19 -7.80 15.31
N LYS A 54 3.32 -7.38 15.84
CA LYS A 54 3.37 -6.81 17.18
C LYS A 54 2.68 -5.44 17.20
N LYS A 55 2.68 -4.75 16.07
CA LYS A 55 2.06 -3.44 15.96
C LYS A 55 0.79 -3.51 15.07
N GLY A 56 0.79 -2.85 13.90
CA GLY A 56 -0.38 -2.89 13.03
C GLY A 56 -0.11 -3.58 11.71
N PRO A 57 -1.11 -3.67 10.81
CA PRO A 57 -0.95 -4.32 9.52
C PRO A 57 -0.31 -3.41 8.48
N GLN A 58 0.56 -3.98 7.64
CA GLN A 58 1.22 -3.22 6.59
C GLN A 58 1.11 -3.93 5.26
N ALA A 59 1.25 -3.14 4.22
CA ALA A 59 1.22 -3.61 2.86
C ALA A 59 2.46 -4.45 2.60
N ALA A 60 2.26 -5.63 2.07
CA ALA A 60 3.35 -6.54 1.75
C ALA A 60 3.52 -6.66 0.24
N HIS A 61 2.40 -6.56 -0.45
CA HIS A 61 2.32 -6.62 -1.88
C HIS A 61 1.50 -5.43 -2.31
N VAL A 62 2.08 -4.51 -3.05
CA VAL A 62 1.38 -3.30 -3.41
C VAL A 62 1.44 -3.00 -4.91
N LYS A 63 0.32 -3.29 -5.58
CA LYS A 63 0.19 -3.01 -7.00
C LYS A 63 -0.79 -1.86 -7.17
N VAL A 64 -1.19 -1.53 -8.39
CA VAL A 64 -2.10 -0.39 -8.58
C VAL A 64 -3.42 -0.75 -9.27
N VAL A 65 -4.47 -0.03 -8.87
CA VAL A 65 -5.79 -0.20 -9.43
C VAL A 65 -6.57 1.12 -9.31
N GLU A 66 -7.77 1.15 -9.87
CA GLU A 66 -8.61 2.34 -9.82
C GLU A 66 -10.07 1.96 -9.60
N MET A 1 -6.26 -7.89 -0.66
CA MET A 1 -5.79 -8.05 -2.06
C MET A 1 -5.84 -6.73 -2.83
N ARG A 2 -6.63 -5.78 -2.33
CA ARG A 2 -6.80 -4.46 -2.97
C ARG A 2 -7.43 -3.45 -2.03
N GLY A 3 -6.92 -2.23 -2.09
CA GLY A 3 -7.42 -1.17 -1.25
C GLY A 3 -7.55 0.16 -1.93
N LYS A 4 -7.08 1.18 -1.23
CA LYS A 4 -7.10 2.54 -1.68
C LYS A 4 -5.78 3.17 -1.31
N VAL A 5 -5.43 4.30 -1.90
CA VAL A 5 -4.18 4.94 -1.58
C VAL A 5 -4.44 6.33 -1.12
N LYS A 6 -3.76 6.67 -0.03
CA LYS A 6 -3.91 7.98 0.59
C LYS A 6 -2.57 8.73 0.68
N TRP A 7 -1.46 8.01 0.74
CA TRP A 7 -0.13 8.67 0.82
C TRP A 7 1.00 7.77 0.33
N PHE A 8 1.94 8.36 -0.43
CA PHE A 8 3.12 7.66 -0.94
C PHE A 8 4.41 8.34 -0.49
N ASP A 9 4.92 7.98 0.69
CA ASP A 9 6.15 8.57 1.18
C ASP A 9 7.36 7.74 0.69
N SER A 10 8.56 8.30 0.82
CA SER A 10 9.76 7.61 0.41
C SER A 10 9.76 7.37 -1.09
N LYS A 11 10.95 7.45 -1.65
CA LYS A 11 11.14 7.25 -3.08
C LYS A 11 10.81 5.81 -3.49
N LYS A 12 10.75 4.91 -2.52
CA LYS A 12 10.42 3.53 -2.79
C LYS A 12 8.95 3.34 -2.42
N GLY A 13 8.56 2.22 -1.80
CA GLY A 13 7.16 2.04 -1.46
C GLY A 13 6.80 2.35 -0.01
N TYR A 14 6.83 3.60 0.39
CA TYR A 14 6.46 3.97 1.75
C TYR A 14 5.19 4.80 1.66
N GLY A 15 4.33 4.71 2.67
CA GLY A 15 3.11 5.48 2.62
C GLY A 15 1.99 4.95 3.48
N PHE A 16 0.77 5.29 3.07
CA PHE A 16 -0.42 4.89 3.76
C PHE A 16 -1.43 4.37 2.75
N ILE A 17 -2.11 3.30 3.11
CA ILE A 17 -3.07 2.70 2.22
C ILE A 17 -4.37 2.38 2.94
N THR A 18 -5.51 2.43 2.26
CA THR A 18 -6.77 2.07 2.91
C THR A 18 -7.43 0.91 2.18
N LYS A 19 -7.56 -0.21 2.86
CA LYS A 19 -8.14 -1.39 2.23
C LYS A 19 -9.59 -1.14 1.86
N ASP A 20 -10.09 -1.92 0.88
CA ASP A 20 -11.48 -1.82 0.36
C ASP A 20 -12.46 -1.18 1.36
N GLU A 21 -13.07 -1.98 2.22
CA GLU A 21 -14.01 -1.45 3.21
C GLU A 21 -13.47 -1.64 4.63
N GLY A 22 -12.21 -1.31 4.80
CA GLY A 22 -11.58 -1.46 6.11
C GLY A 22 -11.12 -0.16 6.72
N GLY A 23 -9.80 -0.04 6.89
CA GLY A 23 -9.20 1.13 7.47
C GLY A 23 -8.00 1.59 6.67
N ASP A 24 -7.01 2.15 7.34
CA ASP A 24 -5.81 2.62 6.68
C ASP A 24 -4.58 1.84 7.12
N VAL A 25 -3.56 1.87 6.27
CA VAL A 25 -2.34 1.15 6.50
C VAL A 25 -1.14 2.07 6.47
N PHE A 26 -0.03 1.42 6.70
CA PHE A 26 1.25 2.02 6.70
C PHE A 26 2.10 1.10 5.86
N VAL A 27 2.84 1.64 4.92
CA VAL A 27 3.63 0.79 4.03
C VAL A 27 5.11 1.20 4.17
N HIS A 28 6.02 0.24 4.00
CA HIS A 28 7.44 0.49 4.25
C HIS A 28 8.30 0.86 3.04
N TRP A 29 8.17 0.12 1.93
CA TRP A 29 8.97 0.34 0.70
C TRP A 29 9.35 -0.96 0.09
N SER A 30 9.02 -2.08 0.76
CA SER A 30 9.31 -3.37 0.24
C SER A 30 8.00 -4.10 -0.07
N ALA A 31 6.94 -3.29 -0.24
CA ALA A 31 5.64 -3.80 -0.61
C ALA A 31 5.22 -3.11 -1.92
N ILE A 32 5.78 -1.91 -2.19
CA ILE A 32 5.51 -1.16 -3.41
C ILE A 32 6.78 -1.07 -4.24
N GLU A 33 7.45 -2.19 -4.28
CA GLU A 33 8.70 -2.33 -5.02
C GLU A 33 8.52 -3.32 -6.17
N MET A 34 8.16 -2.79 -7.34
CA MET A 34 7.97 -3.64 -8.51
C MET A 34 8.84 -3.16 -9.67
N GLU A 35 8.68 -3.81 -10.83
CA GLU A 35 9.45 -3.45 -12.01
C GLU A 35 8.52 -3.06 -13.16
N GLY A 36 7.31 -2.65 -12.84
CA GLY A 36 6.34 -2.25 -13.85
C GLY A 36 5.96 -0.79 -13.70
N PHE A 37 5.16 -0.51 -12.68
CA PHE A 37 4.72 0.85 -12.40
C PHE A 37 4.12 0.95 -11.01
N LYS A 38 4.97 0.96 -9.99
CA LYS A 38 4.51 1.06 -8.61
C LYS A 38 5.01 2.36 -7.99
N THR A 39 4.07 3.25 -7.74
CA THR A 39 4.37 4.57 -7.21
C THR A 39 3.30 5.12 -6.30
N LEU A 40 2.09 4.66 -6.47
CA LEU A 40 0.97 5.15 -5.71
C LEU A 40 0.75 6.61 -5.95
N LYS A 41 -0.39 6.89 -6.47
CA LYS A 41 -0.79 8.26 -6.75
C LYS A 41 -1.32 8.93 -5.47
N GLU A 42 -1.43 8.13 -4.40
CA GLU A 42 -1.91 8.62 -3.09
C GLU A 42 -3.44 8.77 -3.04
N GLY A 43 -4.11 8.57 -4.17
CA GLY A 43 -5.56 8.69 -4.22
C GLY A 43 -6.19 7.69 -5.17
N GLN A 44 -5.88 6.43 -5.00
CA GLN A 44 -6.39 5.39 -5.92
C GLN A 44 -6.71 4.12 -5.18
N VAL A 45 -6.86 3.05 -5.94
CA VAL A 45 -7.16 1.77 -5.39
C VAL A 45 -6.03 0.87 -5.79
N VAL A 46 -5.51 0.16 -4.83
CA VAL A 46 -4.37 -0.69 -5.08
C VAL A 46 -4.79 -2.12 -4.91
N GLU A 47 -3.89 -3.01 -5.26
CA GLU A 47 -4.11 -4.44 -5.12
C GLU A 47 -3.06 -4.91 -4.11
N PHE A 48 -3.43 -5.00 -2.82
CA PHE A 48 -2.42 -5.34 -1.82
C PHE A 48 -2.81 -6.35 -0.76
N GLU A 49 -1.79 -6.72 0.03
CA GLU A 49 -1.97 -7.65 1.13
C GLU A 49 -1.45 -6.99 2.39
N ILE A 50 -2.16 -7.14 3.48
CA ILE A 50 -1.76 -6.51 4.74
C ILE A 50 -1.77 -7.49 5.90
N GLN A 51 -0.64 -7.58 6.59
CA GLN A 51 -0.51 -8.49 7.72
C GLN A 51 0.06 -7.77 8.94
N GLU A 52 -0.48 -8.09 10.12
CA GLU A 52 -0.03 -7.47 11.37
C GLU A 52 0.69 -8.46 12.26
N GLY A 53 1.43 -7.93 13.23
CA GLY A 53 2.14 -8.77 14.18
C GLY A 53 1.86 -8.35 15.59
N LYS A 54 2.88 -7.81 16.24
CA LYS A 54 2.75 -7.32 17.61
C LYS A 54 2.14 -5.92 17.61
N LYS A 55 2.32 -5.19 16.50
CA LYS A 55 1.79 -3.85 16.36
C LYS A 55 0.64 -3.81 15.34
N GLY A 56 0.71 -2.96 14.31
CA GLY A 56 -0.35 -2.89 13.33
C GLY A 56 0.05 -3.54 12.00
N PRO A 57 -0.92 -3.79 11.09
CA PRO A 57 -0.63 -4.42 9.80
C PRO A 57 -0.21 -3.42 8.74
N GLN A 58 0.67 -3.86 7.84
CA GLN A 58 1.15 -3.03 6.75
C GLN A 58 1.04 -3.80 5.43
N ALA A 59 1.03 -3.05 4.36
CA ALA A 59 0.97 -3.59 3.01
C ALA A 59 2.27 -4.31 2.72
N ALA A 60 2.16 -5.56 2.30
CA ALA A 60 3.33 -6.38 1.99
C ALA A 60 3.48 -6.57 0.48
N HIS A 61 2.36 -6.54 -0.20
CA HIS A 61 2.30 -6.69 -1.64
C HIS A 61 1.51 -5.53 -2.15
N VAL A 62 2.13 -4.68 -2.94
CA VAL A 62 1.46 -3.47 -3.40
C VAL A 62 1.50 -3.29 -4.91
N LYS A 63 0.32 -3.46 -5.50
CA LYS A 63 0.13 -3.30 -6.93
C LYS A 63 -0.77 -2.09 -7.14
N VAL A 64 -1.13 -1.74 -8.38
CA VAL A 64 -1.98 -0.57 -8.60
C VAL A 64 -3.29 -0.91 -9.32
N VAL A 65 -4.34 -0.19 -8.96
CA VAL A 65 -5.63 -0.36 -9.55
C VAL A 65 -6.41 0.97 -9.50
N GLU A 66 -7.58 0.98 -10.10
CA GLU A 66 -8.43 2.18 -10.10
C GLU A 66 -9.88 1.82 -9.86
N MET A 1 -5.32 -8.86 -1.71
CA MET A 1 -6.64 -8.19 -1.64
C MET A 1 -6.63 -6.85 -2.42
N ARG A 2 -7.42 -5.87 -1.97
CA ARG A 2 -7.54 -4.57 -2.63
C ARG A 2 -8.15 -3.52 -1.71
N GLY A 3 -7.56 -2.34 -1.76
CA GLY A 3 -8.04 -1.24 -0.95
C GLY A 3 -8.02 0.07 -1.68
N LYS A 4 -7.22 0.99 -1.17
CA LYS A 4 -7.09 2.31 -1.73
C LYS A 4 -5.80 2.93 -1.29
N VAL A 5 -5.45 4.04 -1.89
CA VAL A 5 -4.24 4.71 -1.52
C VAL A 5 -4.59 6.06 -1.05
N LYS A 6 -3.91 6.45 0.02
CA LYS A 6 -4.14 7.72 0.68
C LYS A 6 -2.87 8.57 0.76
N TRP A 7 -1.71 7.92 0.83
CA TRP A 7 -0.45 8.65 0.91
C TRP A 7 0.72 7.86 0.32
N PHE A 8 1.45 8.50 -0.58
CA PHE A 8 2.62 7.90 -1.23
C PHE A 8 3.89 8.67 -0.84
N ASP A 9 4.84 8.00 -0.22
CA ASP A 9 6.08 8.65 0.18
C ASP A 9 7.28 7.82 -0.27
N SER A 10 8.50 8.35 -0.08
CA SER A 10 9.69 7.65 -0.47
C SER A 10 9.74 7.47 -1.97
N LYS A 11 10.94 7.50 -2.50
CA LYS A 11 11.15 7.34 -3.92
C LYS A 11 10.72 5.95 -4.40
N LYS A 12 10.54 5.02 -3.45
CA LYS A 12 10.11 3.69 -3.76
C LYS A 12 8.64 3.58 -3.31
N GLY A 13 8.23 2.45 -2.75
CA GLY A 13 6.86 2.31 -2.31
C GLY A 13 6.67 2.51 -0.81
N TYR A 14 6.62 3.74 -0.37
CA TYR A 14 6.40 4.06 1.03
C TYR A 14 5.10 4.83 1.13
N GLY A 15 4.45 4.77 2.28
CA GLY A 15 3.20 5.50 2.45
C GLY A 15 2.17 4.80 3.30
N PHE A 16 0.92 5.15 3.04
CA PHE A 16 -0.22 4.61 3.75
C PHE A 16 -1.29 4.19 2.76
N ILE A 17 -1.88 3.05 3.01
CA ILE A 17 -2.90 2.53 2.13
C ILE A 17 -4.21 2.31 2.91
N THR A 18 -5.35 2.21 2.24
CA THR A 18 -6.61 1.94 2.96
C THR A 18 -7.31 0.71 2.39
N LYS A 19 -7.50 -0.31 3.22
CA LYS A 19 -8.18 -1.51 2.76
C LYS A 19 -9.63 -1.20 2.45
N ASP A 20 -10.16 -1.86 1.40
CA ASP A 20 -11.55 -1.68 0.90
C ASP A 20 -12.42 -0.74 1.78
N GLU A 21 -13.16 -1.31 2.72
CA GLU A 21 -14.01 -0.51 3.61
C GLU A 21 -13.53 -0.61 5.05
N GLY A 22 -12.22 -0.79 5.21
CA GLY A 22 -11.65 -0.94 6.54
C GLY A 22 -11.00 0.30 7.09
N GLY A 23 -9.67 0.26 7.20
CA GLY A 23 -8.91 1.36 7.74
C GLY A 23 -7.71 1.69 6.88
N ASP A 24 -6.62 2.13 7.51
CA ASP A 24 -5.42 2.46 6.76
C ASP A 24 -4.23 1.60 7.19
N VAL A 25 -3.34 1.39 6.22
CA VAL A 25 -2.15 0.62 6.40
C VAL A 25 -0.92 1.49 6.25
N PHE A 26 0.19 0.82 6.27
CA PHE A 26 1.48 1.42 6.14
C PHE A 26 2.21 0.69 5.03
N VAL A 27 3.24 1.29 4.50
CA VAL A 27 3.99 0.67 3.42
C VAL A 27 5.41 1.27 3.42
N HIS A 28 6.43 0.47 3.12
CA HIS A 28 7.82 0.94 3.21
C HIS A 28 8.50 1.22 1.87
N TRP A 29 8.40 0.30 0.92
CA TRP A 29 9.04 0.45 -0.39
C TRP A 29 9.07 -0.84 -1.13
N SER A 30 9.06 -1.94 -0.38
CA SER A 30 9.02 -3.26 -0.96
C SER A 30 7.72 -3.93 -0.49
N ALA A 31 6.71 -3.08 -0.29
CA ALA A 31 5.37 -3.45 0.10
C ALA A 31 4.39 -2.70 -0.77
N ILE A 32 4.86 -2.39 -1.97
CA ILE A 32 4.10 -1.71 -2.95
C ILE A 32 4.06 -2.61 -4.20
N GLU A 33 4.93 -2.38 -5.14
CA GLU A 33 4.97 -3.19 -6.35
C GLU A 33 6.33 -3.87 -6.57
N MET A 34 7.33 -3.10 -7.01
CA MET A 34 8.65 -3.67 -7.28
C MET A 34 9.77 -2.73 -6.82
N GLU A 35 10.97 -2.90 -7.40
CA GLU A 35 12.11 -2.07 -7.06
C GLU A 35 12.64 -1.35 -8.30
N GLY A 36 11.77 -1.22 -9.31
CA GLY A 36 12.16 -0.53 -10.53
C GLY A 36 11.32 0.71 -10.74
N PHE A 37 10.14 0.54 -11.32
CA PHE A 37 9.23 1.66 -11.54
C PHE A 37 7.89 1.35 -10.88
N LYS A 38 7.78 1.75 -9.63
CA LYS A 38 6.58 1.55 -8.86
C LYS A 38 6.20 2.87 -8.24
N THR A 39 4.91 3.08 -8.10
CA THR A 39 4.43 4.29 -7.50
C THR A 39 2.96 4.25 -7.20
N LEU A 40 2.58 5.07 -6.23
CA LEU A 40 1.20 5.22 -5.87
C LEU A 40 0.76 6.63 -6.06
N LYS A 41 -0.44 6.75 -6.53
CA LYS A 41 -1.06 8.05 -6.74
C LYS A 41 -1.60 8.58 -5.41
N GLU A 42 -1.67 7.68 -4.41
CA GLU A 42 -2.14 8.03 -3.06
C GLU A 42 -3.65 8.32 -3.00
N GLY A 43 -4.35 8.20 -4.13
CA GLY A 43 -5.78 8.44 -4.17
C GLY A 43 -6.51 7.48 -5.08
N GLN A 44 -6.33 6.19 -4.87
CA GLN A 44 -6.95 5.19 -5.76
C GLN A 44 -7.34 3.97 -4.98
N VAL A 45 -7.62 2.90 -5.70
CA VAL A 45 -7.97 1.65 -5.13
C VAL A 45 -6.89 0.70 -5.57
N VAL A 46 -6.32 0.00 -4.62
CA VAL A 46 -5.20 -0.86 -4.91
C VAL A 46 -5.60 -2.29 -4.70
N GLU A 47 -4.74 -3.20 -5.09
CA GLU A 47 -4.95 -4.63 -4.92
C GLU A 47 -3.84 -5.11 -3.99
N PHE A 48 -4.10 -5.16 -2.68
CA PHE A 48 -3.04 -5.52 -1.73
C PHE A 48 -3.41 -6.50 -0.63
N GLU A 49 -2.37 -6.94 0.07
CA GLU A 49 -2.51 -7.83 1.21
C GLU A 49 -1.84 -7.12 2.38
N ILE A 50 -2.47 -7.14 3.54
CA ILE A 50 -1.92 -6.44 4.69
C ILE A 50 -1.91 -7.28 5.95
N GLN A 51 -0.82 -7.16 6.71
CA GLN A 51 -0.66 -7.91 7.96
C GLN A 51 -0.52 -6.96 9.15
N GLU A 52 -1.45 -7.08 10.09
CA GLU A 52 -1.45 -6.26 11.29
C GLU A 52 -1.32 -7.15 12.53
N GLY A 53 -0.16 -7.78 12.66
CA GLY A 53 0.06 -8.67 13.80
C GLY A 53 0.69 -7.98 14.98
N LYS A 54 1.53 -8.73 15.67
CA LYS A 54 2.22 -8.21 16.85
C LYS A 54 3.08 -7.00 16.50
N LYS A 55 3.48 -6.91 15.23
CA LYS A 55 4.30 -5.80 14.78
C LYS A 55 3.42 -4.64 14.29
N GLY A 56 3.59 -4.18 13.04
CA GLY A 56 2.78 -3.08 12.52
C GLY A 56 1.91 -3.49 11.35
N PRO A 57 0.79 -2.78 11.11
CA PRO A 57 -0.11 -3.07 10.00
C PRO A 57 0.40 -2.45 8.71
N GLN A 58 1.07 -3.25 7.89
CA GLN A 58 1.61 -2.76 6.63
C GLN A 58 1.29 -3.67 5.47
N ALA A 59 1.20 -3.04 4.31
CA ALA A 59 0.97 -3.72 3.08
C ALA A 59 2.22 -4.51 2.76
N ALA A 60 2.04 -5.59 2.06
CA ALA A 60 3.17 -6.45 1.69
C ALA A 60 3.20 -6.66 0.19
N HIS A 61 2.01 -6.75 -0.39
CA HIS A 61 1.81 -6.94 -1.80
C HIS A 61 0.84 -5.89 -2.25
N VAL A 62 1.26 -4.98 -3.10
CA VAL A 62 0.40 -3.91 -3.53
C VAL A 62 0.36 -3.78 -5.05
N LYS A 63 -0.83 -3.61 -5.57
CA LYS A 63 -1.04 -3.45 -7.00
C LYS A 63 -1.91 -2.23 -7.21
N VAL A 64 -2.30 -1.92 -8.45
CA VAL A 64 -3.14 -0.73 -8.67
C VAL A 64 -4.46 -1.07 -9.33
N VAL A 65 -5.51 -0.46 -8.80
CA VAL A 65 -6.83 -0.63 -9.33
C VAL A 65 -7.58 0.72 -9.24
N GLU A 66 -8.79 0.76 -9.71
CA GLU A 66 -9.59 1.98 -9.68
C GLU A 66 -11.03 1.68 -9.28
N MET A 1 -6.62 -8.28 -0.30
CA MET A 1 -6.28 -8.35 -1.76
C MET A 1 -6.45 -7.01 -2.49
N ARG A 2 -7.14 -6.07 -1.84
CA ARG A 2 -7.41 -4.74 -2.42
C ARG A 2 -7.72 -3.68 -1.37
N GLY A 3 -7.22 -2.50 -1.64
CA GLY A 3 -7.46 -1.39 -0.75
C GLY A 3 -7.71 -0.10 -1.45
N LYS A 4 -7.26 0.97 -0.81
CA LYS A 4 -7.36 2.31 -1.33
C LYS A 4 -6.02 2.97 -1.05
N VAL A 5 -5.72 4.08 -1.69
CA VAL A 5 -4.45 4.74 -1.42
C VAL A 5 -4.76 6.09 -0.92
N LYS A 6 -4.06 6.43 0.17
CA LYS A 6 -4.29 7.69 0.86
C LYS A 6 -3.03 8.56 0.94
N TRP A 7 -1.85 7.94 0.96
CA TRP A 7 -0.60 8.73 1.03
C TRP A 7 0.58 7.98 0.41
N PHE A 8 1.42 8.74 -0.30
CA PHE A 8 2.62 8.19 -0.94
C PHE A 8 3.88 8.87 -0.42
N ASP A 9 4.93 8.09 -0.17
CA ASP A 9 6.19 8.62 0.31
C ASP A 9 7.39 8.02 -0.45
N SER A 10 8.18 8.88 -1.12
CA SER A 10 9.33 8.42 -1.83
C SER A 10 8.98 7.45 -2.92
N LYS A 11 9.84 7.42 -3.91
CA LYS A 11 9.68 6.51 -5.05
C LYS A 11 9.77 5.07 -4.57
N LYS A 12 10.53 4.85 -3.50
CA LYS A 12 10.64 3.56 -2.88
C LYS A 12 9.35 3.37 -2.11
N GLY A 13 8.40 2.70 -2.78
CA GLY A 13 7.06 2.45 -2.29
C GLY A 13 6.82 2.63 -0.80
N TYR A 14 6.77 3.87 -0.35
CA TYR A 14 6.52 4.18 1.04
C TYR A 14 5.20 4.92 1.11
N GLY A 15 4.49 4.79 2.21
CA GLY A 15 3.22 5.48 2.32
C GLY A 15 2.21 4.81 3.21
N PHE A 16 0.96 5.20 3.00
CA PHE A 16 -0.16 4.68 3.75
C PHE A 16 -1.27 4.30 2.80
N ILE A 17 -1.76 3.10 2.96
CA ILE A 17 -2.83 2.61 2.13
C ILE A 17 -4.10 2.43 2.98
N THR A 18 -5.23 2.16 2.33
CA THR A 18 -6.48 1.94 3.06
C THR A 18 -7.03 0.55 2.75
N LYS A 19 -7.29 -0.22 3.80
CA LYS A 19 -7.81 -1.56 3.65
C LYS A 19 -9.22 -1.48 3.07
N ASP A 20 -9.36 -2.08 1.90
CA ASP A 20 -10.61 -2.12 1.15
C ASP A 20 -11.43 -0.82 1.28
N GLU A 21 -12.28 -0.75 2.31
CA GLU A 21 -13.12 0.43 2.51
C GLU A 21 -12.90 1.20 3.81
N GLY A 22 -12.62 0.51 4.93
CA GLY A 22 -12.51 1.21 6.21
C GLY A 22 -11.20 1.09 6.95
N GLY A 23 -10.33 0.18 6.56
CA GLY A 23 -9.08 0.01 7.28
C GLY A 23 -7.98 0.92 6.76
N ASP A 24 -6.78 0.76 7.29
CA ASP A 24 -5.65 1.58 6.87
C ASP A 24 -4.33 0.87 7.10
N VAL A 25 -3.46 0.95 6.10
CA VAL A 25 -2.16 0.32 6.16
C VAL A 25 -1.04 1.35 6.03
N PHE A 26 0.14 0.80 6.04
CA PHE A 26 1.37 1.51 5.90
C PHE A 26 2.18 0.78 4.83
N VAL A 27 3.21 1.40 4.29
CA VAL A 27 3.97 0.71 3.25
C VAL A 27 5.46 1.16 3.29
N HIS A 28 6.37 0.23 2.94
CA HIS A 28 7.81 0.48 3.06
C HIS A 28 8.53 0.95 1.80
N TRP A 29 8.45 0.20 0.71
CA TRP A 29 9.12 0.57 -0.55
C TRP A 29 9.09 -0.54 -1.54
N SER A 30 9.08 -1.76 -1.03
CA SER A 30 8.97 -2.93 -1.85
C SER A 30 7.69 -3.67 -1.47
N ALA A 31 6.72 -2.86 -1.03
CA ALA A 31 5.41 -3.31 -0.66
C ALA A 31 4.38 -2.43 -1.35
N ILE A 32 4.76 -1.97 -2.52
CA ILE A 32 3.93 -1.10 -3.33
C ILE A 32 3.73 -1.75 -4.70
N GLU A 33 4.82 -2.02 -5.37
CA GLU A 33 4.81 -2.66 -6.66
C GLU A 33 5.76 -3.85 -6.63
N MET A 34 7.04 -3.51 -6.50
CA MET A 34 8.12 -4.50 -6.49
C MET A 34 9.42 -3.88 -5.97
N GLU A 35 10.55 -4.13 -6.64
CA GLU A 35 11.83 -3.57 -6.21
C GLU A 35 12.41 -2.70 -7.32
N GLY A 36 11.52 -2.13 -8.14
CA GLY A 36 11.96 -1.28 -9.23
C GLY A 36 11.45 0.15 -9.05
N PHE A 37 10.67 0.63 -10.02
CA PHE A 37 10.11 1.98 -9.92
C PHE A 37 8.60 1.91 -10.00
N LYS A 38 7.96 2.39 -8.97
CA LYS A 38 6.54 2.41 -8.89
C LYS A 38 6.11 3.64 -8.15
N THR A 39 4.82 3.84 -8.06
CA THR A 39 4.29 4.95 -7.34
C THR A 39 2.80 4.88 -7.17
N LEU A 40 2.33 5.64 -6.20
CA LEU A 40 0.93 5.75 -5.93
C LEU A 40 0.46 7.16 -6.14
N LYS A 41 -0.83 7.27 -6.36
CA LYS A 41 -1.46 8.57 -6.54
C LYS A 41 -2.00 9.08 -5.21
N GLU A 42 -1.98 8.22 -4.19
CA GLU A 42 -2.46 8.57 -2.85
C GLU A 42 -3.99 8.63 -2.76
N GLY A 43 -4.67 8.41 -3.87
CA GLY A 43 -6.14 8.44 -3.90
C GLY A 43 -6.74 7.42 -4.84
N GLN A 44 -6.43 6.15 -4.66
CA GLN A 44 -6.92 5.10 -5.56
C GLN A 44 -7.23 3.84 -4.81
N VAL A 45 -7.43 2.77 -5.55
CA VAL A 45 -7.73 1.49 -5.00
C VAL A 45 -6.66 0.55 -5.50
N VAL A 46 -6.06 -0.18 -4.59
CA VAL A 46 -4.96 -1.03 -4.92
C VAL A 46 -5.34 -2.49 -4.72
N GLU A 47 -4.43 -3.36 -5.08
CA GLU A 47 -4.62 -4.79 -4.93
C GLU A 47 -3.56 -5.28 -3.97
N PHE A 48 -3.90 -5.41 -2.68
CA PHE A 48 -2.87 -5.78 -1.70
C PHE A 48 -3.29 -6.69 -0.57
N GLU A 49 -2.26 -7.08 0.20
CA GLU A 49 -2.42 -7.88 1.38
C GLU A 49 -1.91 -7.02 2.53
N ILE A 50 -2.46 -7.18 3.71
CA ILE A 50 -2.05 -6.35 4.82
C ILE A 50 -1.95 -7.11 6.13
N GLN A 51 -0.76 -7.11 6.71
CA GLN A 51 -0.50 -7.78 7.97
C GLN A 51 -0.47 -6.79 9.12
N GLU A 52 -1.52 -6.82 9.92
CA GLU A 52 -1.65 -5.94 11.08
C GLU A 52 -1.73 -6.75 12.37
N GLY A 53 -0.68 -7.52 12.64
CA GLY A 53 -0.67 -8.35 13.84
C GLY A 53 0.31 -7.87 14.88
N LYS A 54 1.09 -8.81 15.39
CA LYS A 54 2.09 -8.51 16.42
C LYS A 54 3.17 -7.55 15.89
N LYS A 55 3.25 -7.39 14.57
CA LYS A 55 4.23 -6.51 13.97
C LYS A 55 3.59 -5.16 13.60
N GLY A 56 3.78 -4.69 12.37
CA GLY A 56 3.21 -3.41 11.96
C GLY A 56 2.19 -3.55 10.84
N PRO A 57 1.00 -2.93 10.95
CA PRO A 57 -0.02 -3.01 9.89
C PRO A 57 0.48 -2.39 8.59
N GLN A 58 1.14 -3.20 7.76
CA GLN A 58 1.66 -2.73 6.50
C GLN A 58 1.33 -3.64 5.33
N ALA A 59 1.25 -3.02 4.18
CA ALA A 59 1.04 -3.70 2.94
C ALA A 59 2.29 -4.47 2.64
N ALA A 60 2.13 -5.62 2.03
CA ALA A 60 3.27 -6.47 1.69
C ALA A 60 3.31 -6.75 0.19
N HIS A 61 2.13 -6.85 -0.38
CA HIS A 61 1.96 -7.12 -1.78
C HIS A 61 1.00 -6.08 -2.30
N VAL A 62 1.47 -5.19 -3.16
CA VAL A 62 0.63 -4.11 -3.64
C VAL A 62 0.64 -4.01 -5.15
N LYS A 63 -0.54 -3.75 -5.69
CA LYS A 63 -0.74 -3.58 -7.12
C LYS A 63 -1.65 -2.37 -7.30
N VAL A 64 -2.11 -2.07 -8.51
CA VAL A 64 -2.97 -0.90 -8.69
C VAL A 64 -4.33 -1.24 -9.28
N VAL A 65 -5.33 -0.49 -8.82
CA VAL A 65 -6.69 -0.66 -9.28
C VAL A 65 -7.43 0.69 -9.16
N GLU A 66 -8.65 0.72 -9.66
CA GLU A 66 -9.46 1.93 -9.59
C GLU A 66 -10.90 1.60 -9.20
N MET A 1 -6.89 -8.43 -0.73
CA MET A 1 -6.29 -8.36 -2.09
C MET A 1 -6.54 -7.01 -2.76
N ARG A 2 -7.11 -6.05 -2.03
CA ARG A 2 -7.40 -4.71 -2.57
C ARG A 2 -7.56 -3.66 -1.50
N GLY A 3 -7.00 -2.51 -1.77
CA GLY A 3 -7.08 -1.40 -0.86
C GLY A 3 -7.29 -0.08 -1.56
N LYS A 4 -6.53 0.89 -1.12
CA LYS A 4 -6.57 2.23 -1.66
C LYS A 4 -5.27 2.92 -1.31
N VAL A 5 -4.99 4.05 -1.92
CA VAL A 5 -3.77 4.74 -1.60
C VAL A 5 -4.17 6.03 -1.03
N LYS A 6 -3.56 6.31 0.11
CA LYS A 6 -3.89 7.51 0.87
C LYS A 6 -2.67 8.39 1.13
N TRP A 7 -1.52 7.79 1.40
CA TRP A 7 -0.31 8.58 1.64
C TRP A 7 0.92 7.93 1.03
N PHE A 8 1.75 8.74 0.38
CA PHE A 8 2.96 8.25 -0.25
C PHE A 8 4.22 8.90 0.31
N ASP A 9 5.21 8.08 0.61
CA ASP A 9 6.49 8.54 1.11
C ASP A 9 7.63 7.84 0.36
N SER A 10 8.66 8.60 -0.03
CA SER A 10 9.80 8.05 -0.71
C SER A 10 9.41 7.43 -2.03
N LYS A 11 10.31 7.53 -2.97
CA LYS A 11 10.12 6.95 -4.31
C LYS A 11 10.10 5.42 -4.23
N LYS A 12 10.51 4.87 -3.08
CA LYS A 12 10.50 3.43 -2.84
C LYS A 12 9.26 3.17 -2.00
N GLY A 13 8.25 2.60 -2.67
CA GLY A 13 6.95 2.28 -2.10
C GLY A 13 6.78 2.40 -0.58
N TYR A 14 6.80 3.62 -0.08
CA TYR A 14 6.62 3.86 1.35
C TYR A 14 5.36 4.69 1.51
N GLY A 15 4.58 4.42 2.54
CA GLY A 15 3.36 5.20 2.71
C GLY A 15 2.26 4.54 3.47
N PHE A 16 1.04 4.89 3.08
CA PHE A 16 -0.15 4.36 3.70
C PHE A 16 -1.12 3.92 2.64
N ILE A 17 -1.84 2.86 2.94
CA ILE A 17 -2.80 2.30 2.03
C ILE A 17 -4.13 2.09 2.76
N THR A 18 -5.26 1.99 2.06
CA THR A 18 -6.54 1.77 2.76
C THR A 18 -7.25 0.52 2.25
N LYS A 19 -7.45 -0.45 3.14
CA LYS A 19 -8.14 -1.68 2.75
C LYS A 19 -9.61 -1.36 2.44
N ASP A 20 -10.06 -1.86 1.27
CA ASP A 20 -11.43 -1.67 0.74
C ASP A 20 -12.29 -0.67 1.55
N GLU A 21 -13.05 -1.17 2.52
CA GLU A 21 -13.89 -0.31 3.36
C GLU A 21 -13.44 -0.36 4.81
N GLY A 22 -12.17 -0.69 5.04
CA GLY A 22 -11.68 -0.79 6.40
C GLY A 22 -10.99 0.45 6.92
N GLY A 23 -9.68 0.39 7.03
CA GLY A 23 -8.90 1.49 7.53
C GLY A 23 -7.68 1.77 6.68
N ASP A 24 -6.57 2.15 7.30
CA ASP A 24 -5.36 2.45 6.56
C ASP A 24 -4.21 1.52 6.97
N VAL A 25 -3.20 1.49 6.11
CA VAL A 25 -2.04 0.65 6.30
C VAL A 25 -0.78 1.48 6.21
N PHE A 26 0.32 0.76 6.28
CA PHE A 26 1.64 1.31 6.18
C PHE A 26 2.36 0.51 5.13
N VAL A 27 3.41 1.06 4.53
CA VAL A 27 4.10 0.34 3.48
C VAL A 27 5.60 0.71 3.45
N HIS A 28 6.43 -0.26 3.05
CA HIS A 28 7.89 -0.09 3.08
C HIS A 28 8.55 0.49 1.82
N TRP A 29 8.43 -0.19 0.68
CA TRP A 29 9.06 0.29 -0.56
C TRP A 29 9.01 -0.75 -1.64
N SER A 30 8.97 -2.01 -1.23
CA SER A 30 8.85 -3.10 -2.15
C SER A 30 7.56 -3.85 -1.83
N ALA A 31 6.58 -3.06 -1.36
CA ALA A 31 5.27 -3.54 -1.03
C ALA A 31 4.26 -2.56 -1.57
N ILE A 32 4.59 -2.01 -2.73
CA ILE A 32 3.76 -1.05 -3.42
C ILE A 32 3.44 -1.56 -4.82
N GLU A 33 4.45 -1.74 -5.62
CA GLU A 33 4.27 -2.28 -6.97
C GLU A 33 5.26 -3.42 -7.23
N MET A 34 6.54 -3.10 -7.10
CA MET A 34 7.61 -4.05 -7.33
C MET A 34 8.93 -3.49 -6.79
N GLU A 35 10.05 -3.82 -7.44
CA GLU A 35 11.35 -3.30 -7.02
C GLU A 35 11.97 -2.51 -8.16
N GLY A 36 11.11 -1.94 -9.01
CA GLY A 36 11.58 -1.14 -10.13
C GLY A 36 10.96 0.24 -10.15
N PHE A 37 9.79 0.36 -10.76
CA PHE A 37 9.09 1.64 -10.83
C PHE A 37 7.70 1.52 -10.25
N LYS A 38 7.51 2.09 -9.06
CA LYS A 38 6.23 2.06 -8.39
C LYS A 38 5.82 3.46 -8.01
N THR A 39 4.56 3.78 -8.22
CA THR A 39 4.05 5.07 -7.85
C THR A 39 2.72 5.03 -7.21
N LEU A 40 2.55 6.04 -6.37
CA LEU A 40 1.41 6.17 -5.54
C LEU A 40 0.76 7.50 -5.70
N LYS A 41 -0.39 7.45 -6.26
CA LYS A 41 -1.19 8.65 -6.46
C LYS A 41 -1.88 9.03 -5.14
N GLU A 42 -1.73 8.15 -4.14
CA GLU A 42 -2.32 8.35 -2.80
C GLU A 42 -3.82 8.62 -2.85
N GLY A 43 -4.44 8.33 -3.99
CA GLY A 43 -5.88 8.51 -4.12
C GLY A 43 -6.52 7.46 -4.99
N GLN A 44 -6.24 6.20 -4.73
CA GLN A 44 -6.78 5.14 -5.60
C GLN A 44 -7.14 3.92 -4.83
N VAL A 45 -7.41 2.85 -5.56
CA VAL A 45 -7.74 1.57 -5.02
C VAL A 45 -6.70 0.63 -5.55
N VAL A 46 -6.11 -0.13 -4.67
CA VAL A 46 -5.01 -0.99 -5.04
C VAL A 46 -5.40 -2.45 -4.89
N GLU A 47 -4.49 -3.32 -5.26
CA GLU A 47 -4.67 -4.75 -5.15
C GLU A 47 -3.62 -5.27 -4.19
N PHE A 48 -3.98 -5.44 -2.92
CA PHE A 48 -2.98 -5.85 -1.94
C PHE A 48 -3.42 -6.76 -0.81
N GLU A 49 -2.41 -7.28 -0.12
CA GLU A 49 -2.59 -8.13 1.04
C GLU A 49 -1.87 -7.42 2.19
N ILE A 50 -2.39 -7.54 3.41
CA ILE A 50 -1.77 -6.85 4.53
C ILE A 50 -1.76 -7.69 5.80
N GLN A 51 -0.62 -7.68 6.47
CA GLN A 51 -0.45 -8.44 7.71
C GLN A 51 0.13 -7.56 8.81
N GLU A 52 -0.32 -7.78 10.04
CA GLU A 52 0.16 -7.00 11.19
C GLU A 52 0.88 -7.88 12.20
N GLY A 53 1.91 -7.31 12.82
CA GLY A 53 2.67 -8.03 13.81
C GLY A 53 2.83 -7.21 15.07
N LYS A 54 1.97 -7.49 16.04
CA LYS A 54 1.99 -6.77 17.31
C LYS A 54 1.51 -5.33 17.13
N LYS A 55 2.25 -4.55 16.35
CA LYS A 55 1.91 -3.15 16.10
C LYS A 55 0.78 -3.04 15.05
N GLY A 56 1.07 -2.50 13.86
CA GLY A 56 0.04 -2.36 12.84
C GLY A 56 0.29 -3.20 11.60
N PRO A 57 -0.66 -3.25 10.65
CA PRO A 57 -0.52 -4.02 9.42
C PRO A 57 0.15 -3.24 8.30
N GLN A 58 0.90 -3.94 7.45
CA GLN A 58 1.58 -3.33 6.34
C GLN A 58 1.31 -4.07 5.05
N ALA A 59 1.37 -3.35 3.96
CA ALA A 59 1.22 -3.88 2.64
C ALA A 59 2.45 -4.73 2.34
N ALA A 60 2.22 -5.86 1.73
CA ALA A 60 3.31 -6.77 1.37
C ALA A 60 3.32 -6.97 -0.13
N HIS A 61 2.13 -7.04 -0.69
CA HIS A 61 1.91 -7.22 -2.10
C HIS A 61 0.94 -6.17 -2.53
N VAL A 62 1.39 -5.20 -3.32
CA VAL A 62 0.54 -4.11 -3.73
C VAL A 62 0.56 -3.93 -5.24
N LYS A 63 -0.62 -3.68 -5.78
CA LYS A 63 -0.79 -3.44 -7.21
C LYS A 63 -1.69 -2.24 -7.37
N VAL A 64 -2.15 -1.92 -8.58
CA VAL A 64 -3.00 -0.73 -8.75
C VAL A 64 -4.36 -1.06 -9.35
N VAL A 65 -5.37 -0.34 -8.88
CA VAL A 65 -6.71 -0.49 -9.37
C VAL A 65 -7.46 0.85 -9.22
N GLU A 66 -8.67 0.89 -9.71
CA GLU A 66 -9.49 2.10 -9.65
C GLU A 66 -10.92 1.77 -9.23
#